data_6A5B
#
_entry.id   6A5B
#
_cell.length_a   60.545
_cell.length_b   63.509
_cell.length_c   107.776
_cell.angle_alpha   90.000
_cell.angle_beta   90.000
_cell.angle_gamma   90.000
#
_symmetry.space_group_name_H-M   'P 21 21 21'
#
loop_
_entity.id
_entity.type
_entity.pdbx_description
1 polymer 'Receptor-like protein kinase FERONIA'
2 water water
#
_entity_poly.entity_id   1
_entity_poly.type   'polypeptide(L)'
_entity_poly.pdbx_seq_one_letter_code
;AATLISAADYSPTEKILLNCGGGASNLTDTDNRIWISDVKSKFLSSSSEDSKTSPALTQDPSVPEVPYMTARVFRSPFTY
TFPVASGRKFVRLYFYPNSYDGLNATNSLFSVSFGPYTLLKNFSASQTAEALTYAFIIKEFVVNVEGGTLNMTFTPESAP
SNAYAFVNGIEVTSMPDMYSSTDGTLTMVGSSGSVTIDNSTALENVYRLNVGGNDISPSADTGLYRSWYDDQPYIFGAGL
GIPETADPNMTIKYPTGTPTYVAPVDVYSTARSMGPTAQINLNYNLTWIFSIDSGFTYLVRLHFCEVSSNITKINQRVFT
IYLNNQTAEPEADVIAWTSSNGVPFHKDYVVNPPEGNGQQDLWLALHPNPVNKPEYYDSLLNGVEIFKMNTSDGNLAGTN
PIPGPQVTADPSKVLRPTTRKSKSNTAIIA
;
_entity_poly.pdbx_strand_id   A
#
# COMPACT_ATOMS: atom_id res chain seq x y z
N GLU A 14 5.84 -19.00 3.03
CA GLU A 14 5.20 -19.09 4.35
C GLU A 14 4.01 -18.13 4.46
N LYS A 15 2.81 -18.66 4.30
CA LYS A 15 1.64 -17.79 4.20
C LYS A 15 0.35 -18.54 4.52
N ILE A 16 -0.64 -17.77 4.96
CA ILE A 16 -1.99 -18.24 5.25
C ILE A 16 -2.94 -17.35 4.47
N LEU A 17 -3.79 -17.94 3.63
CA LEU A 17 -4.85 -17.24 2.90
C LEU A 17 -6.17 -17.80 3.39
N LEU A 18 -6.86 -17.07 4.27
CA LEU A 18 -8.04 -17.57 4.97
C LEU A 18 -9.29 -16.89 4.40
N ASN A 19 -10.18 -17.68 3.79
CA ASN A 19 -11.41 -17.20 3.16
C ASN A 19 -12.53 -17.37 4.18
N CYS A 20 -12.82 -16.29 4.90
CA CYS A 20 -13.73 -16.36 6.03
C CYS A 20 -15.16 -16.55 5.52
N GLY A 21 -15.87 -17.52 6.11
CA GLY A 21 -17.17 -17.91 5.63
C GLY A 21 -17.17 -18.77 4.38
N GLY A 22 -16.01 -19.28 3.96
CA GLY A 22 -15.95 -20.09 2.76
C GLY A 22 -16.76 -21.36 2.87
N GLY A 23 -16.89 -22.05 1.72
CA GLY A 23 -17.42 -23.39 1.68
C GLY A 23 -16.34 -24.40 2.02
N ALA A 24 -16.68 -25.68 1.90
CA ALA A 24 -15.73 -26.74 2.26
C ALA A 24 -14.53 -26.76 1.32
N SER A 25 -14.77 -26.77 0.01
CA SER A 25 -13.71 -27.00 -0.96
C SER A 25 -12.85 -25.75 -1.19
N ASN A 26 -11.58 -25.98 -1.47
CA ASN A 26 -10.66 -24.90 -1.81
C ASN A 26 -11.17 -24.14 -3.03
N LEU A 27 -10.88 -22.86 -3.06
CA LEU A 27 -11.16 -22.02 -4.22
C LEU A 27 -9.90 -21.25 -4.58
N THR A 28 -9.67 -21.08 -5.87
CA THR A 28 -8.57 -20.25 -6.34
C THR A 28 -9.14 -18.94 -6.85
N ASP A 29 -8.39 -17.86 -6.61
CA ASP A 29 -8.79 -16.52 -7.02
C ASP A 29 -8.30 -16.24 -8.44
N THR A 30 -8.57 -15.02 -8.92
CA THR A 30 -8.13 -14.61 -10.26
C THR A 30 -6.60 -14.44 -10.38
N ASP A 31 -5.81 -14.80 -9.37
CA ASP A 31 -4.35 -14.72 -9.44
C ASP A 31 -3.72 -16.07 -9.14
N ASN A 32 -4.48 -17.16 -9.31
CA ASN A 32 -3.98 -18.52 -9.12
C ASN A 32 -3.51 -18.79 -7.69
N ARG A 33 -4.07 -18.08 -6.71
CA ARG A 33 -3.75 -18.37 -5.31
C ARG A 33 -4.89 -19.20 -4.72
N ILE A 34 -4.52 -20.09 -3.82
CA ILE A 34 -5.47 -21.00 -3.21
C ILE A 34 -5.84 -20.45 -1.84
N TRP A 35 -7.14 -20.25 -1.61
CA TRP A 35 -7.69 -19.82 -0.34
C TRP A 35 -8.39 -21.00 0.35
N ILE A 36 -8.23 -21.09 1.66
CA ILE A 36 -8.88 -22.13 2.44
C ILE A 36 -9.94 -21.50 3.32
N SER A 37 -11.02 -22.26 3.55
CA SER A 37 -12.11 -21.80 4.39
C SER A 37 -11.68 -21.73 5.85
N ASP A 38 -12.29 -20.82 6.60
CA ASP A 38 -12.07 -20.77 8.04
C ASP A 38 -13.10 -21.58 8.83
N VAL A 39 -14.02 -22.27 8.16
CA VAL A 39 -15.27 -22.69 8.80
C VAL A 39 -15.04 -23.65 9.97
N LYS A 40 -14.14 -24.63 9.80
CA LYS A 40 -13.84 -25.53 10.91
C LYS A 40 -12.39 -25.42 11.36
N SER A 41 -11.72 -24.33 11.01
CA SER A 41 -10.28 -24.26 11.10
C SER A 41 -9.83 -24.17 12.56
N LYS A 42 -8.53 -24.33 12.77
CA LYS A 42 -7.91 -24.15 14.07
C LYS A 42 -7.66 -22.69 14.42
N PHE A 43 -8.10 -21.74 13.58
CA PHE A 43 -7.87 -20.33 13.82
C PHE A 43 -9.02 -19.63 14.53
N LEU A 44 -10.16 -20.30 14.68
CA LEU A 44 -11.29 -19.72 15.39
C LEU A 44 -11.12 -19.88 16.89
N SER A 45 -11.48 -18.83 17.63
CA SER A 45 -11.43 -18.85 19.10
C SER A 45 -12.73 -18.30 19.67
N ASP A 50 -21.94 -16.74 19.30
CA ASP A 50 -21.12 -17.31 18.24
C ASP A 50 -21.34 -16.56 16.92
N SER A 51 -20.27 -16.49 16.13
CA SER A 51 -20.31 -15.81 14.85
C SER A 51 -21.23 -16.55 13.89
N LYS A 52 -21.54 -15.89 12.77
CA LYS A 52 -22.33 -16.48 11.70
C LYS A 52 -21.59 -16.34 10.38
N THR A 53 -22.04 -17.13 9.40
CA THR A 53 -21.47 -17.19 8.06
C THR A 53 -22.55 -16.75 7.07
N SER A 54 -22.15 -16.07 5.96
CA SER A 54 -23.14 -15.53 5.04
C SER A 54 -22.55 -15.20 3.69
N PRO A 55 -23.24 -15.54 2.60
CA PRO A 55 -22.91 -14.94 1.30
C PRO A 55 -23.26 -13.46 1.31
N ALA A 56 -22.59 -12.70 0.44
CA ALA A 56 -22.98 -11.32 0.25
C ALA A 56 -24.29 -11.25 -0.52
N LEU A 57 -25.17 -10.33 -0.15
CA LEU A 57 -26.51 -10.30 -0.74
C LEU A 57 -26.44 -9.91 -2.22
N THR A 58 -25.74 -8.82 -2.54
CA THR A 58 -25.60 -8.35 -3.91
C THR A 58 -24.16 -8.54 -4.38
N GLN A 59 -24.02 -8.57 -5.71
CA GLN A 59 -22.76 -8.86 -6.35
C GLN A 59 -22.35 -7.62 -7.14
N ASP A 60 -21.05 -7.47 -7.34
CA ASP A 60 -20.52 -6.40 -8.15
C ASP A 60 -19.63 -7.11 -9.16
N PRO A 61 -19.82 -6.90 -10.47
CA PRO A 61 -18.94 -7.57 -11.45
C PRO A 61 -17.48 -7.20 -11.29
N SER A 62 -17.17 -6.07 -10.67
CA SER A 62 -15.79 -5.65 -10.41
C SER A 62 -15.15 -6.35 -9.23
N VAL A 63 -15.92 -7.08 -8.42
CA VAL A 63 -15.41 -7.70 -7.21
C VAL A 63 -15.18 -9.18 -7.48
N PRO A 64 -13.94 -9.71 -7.30
CA PRO A 64 -13.70 -11.17 -7.40
C PRO A 64 -14.62 -11.96 -6.48
N GLU A 65 -14.85 -13.24 -6.80
CA GLU A 65 -15.69 -14.04 -5.92
C GLU A 65 -14.92 -14.51 -4.68
N VAL A 66 -13.64 -14.81 -4.84
CA VAL A 66 -12.77 -15.22 -3.73
C VAL A 66 -11.89 -14.05 -3.32
N PRO A 67 -11.97 -13.64 -2.04
CA PRO A 67 -12.79 -14.22 -0.96
C PRO A 67 -14.05 -13.42 -0.65
N TYR A 68 -14.40 -12.47 -1.52
CA TYR A 68 -15.35 -11.42 -1.18
C TYR A 68 -16.82 -11.85 -1.15
N MET A 69 -17.21 -12.92 -1.82
CA MET A 69 -18.63 -13.21 -1.83
C MET A 69 -19.12 -13.92 -0.58
N THR A 70 -18.22 -14.23 0.36
CA THR A 70 -18.61 -14.74 1.67
C THR A 70 -17.87 -13.97 2.76
N ALA A 71 -18.53 -13.84 3.92
CA ALA A 71 -17.94 -13.23 5.11
C ALA A 71 -18.27 -14.04 6.36
N ARG A 72 -17.48 -13.82 7.41
CA ARG A 72 -17.89 -14.16 8.76
C ARG A 72 -18.40 -12.89 9.44
N VAL A 73 -19.54 -12.98 10.11
CA VAL A 73 -20.24 -11.86 10.72
C VAL A 73 -20.18 -11.99 12.24
N PHE A 74 -19.77 -10.93 12.93
CA PHE A 74 -19.61 -10.91 14.38
C PHE A 74 -20.55 -9.90 15.03
N ARG A 75 -21.43 -10.39 15.90
CA ARG A 75 -22.26 -9.51 16.71
C ARG A 75 -21.66 -9.22 18.08
N SER A 76 -20.54 -9.85 18.40
CA SER A 76 -19.83 -9.62 19.65
C SER A 76 -18.35 -9.87 19.38
N PRO A 77 -17.46 -9.53 20.32
CA PRO A 77 -16.02 -9.65 20.04
C PRO A 77 -15.61 -11.08 19.67
N PHE A 78 -14.61 -11.17 18.80
CA PHE A 78 -14.21 -12.47 18.24
C PHE A 78 -12.73 -12.38 17.87
N THR A 79 -11.97 -13.42 18.24
CA THR A 79 -10.52 -13.44 18.03
C THR A 79 -10.15 -14.59 17.11
N TYR A 80 -9.40 -14.28 16.05
CA TYR A 80 -8.64 -15.28 15.32
C TYR A 80 -7.27 -15.42 15.96
N THR A 81 -6.76 -16.65 15.99
CA THR A 81 -5.42 -16.93 16.47
C THR A 81 -4.66 -17.70 15.40
N PHE A 82 -3.46 -17.23 15.07
CA PHE A 82 -2.66 -17.87 14.03
C PHE A 82 -1.36 -18.37 14.63
N PRO A 83 -1.10 -19.68 14.60
CA PRO A 83 0.22 -20.19 14.96
C PRO A 83 1.23 -19.74 13.90
N VAL A 84 2.22 -18.94 14.32
CA VAL A 84 3.20 -18.38 13.39
C VAL A 84 4.59 -18.42 14.02
N ALA A 85 5.60 -18.41 13.16
CA ALA A 85 6.97 -18.17 13.61
C ALA A 85 7.13 -16.70 13.98
N SER A 86 8.04 -16.44 14.91
CA SER A 86 8.34 -15.05 15.26
C SER A 86 8.91 -14.31 14.06
N GLY A 87 8.78 -12.99 14.09
CA GLY A 87 9.28 -12.16 13.01
C GLY A 87 8.19 -11.22 12.51
N ARG A 88 8.51 -10.51 11.44
CA ARG A 88 7.58 -9.53 10.87
C ARG A 88 6.59 -10.18 9.91
N LYS A 89 5.40 -9.59 9.85
CA LYS A 89 4.28 -10.13 9.08
C LYS A 89 3.59 -9.04 8.26
N PHE A 90 3.23 -9.39 7.02
CA PHE A 90 2.12 -8.72 6.34
C PHE A 90 0.83 -9.30 6.89
N VAL A 91 -0.05 -8.44 7.40
CA VAL A 91 -1.41 -8.82 7.72
C VAL A 91 -2.32 -8.02 6.79
N ARG A 92 -3.04 -8.73 5.93
CA ARG A 92 -3.93 -8.11 4.96
C ARG A 92 -5.36 -8.56 5.24
N LEU A 93 -6.28 -7.60 5.36
CA LEU A 93 -7.68 -7.86 5.67
C LEU A 93 -8.56 -7.45 4.49
N TYR A 94 -9.50 -8.32 4.12
CA TYR A 94 -10.28 -8.17 2.90
C TYR A 94 -11.73 -7.89 3.25
N PHE A 95 -12.25 -6.76 2.76
CA PHE A 95 -13.61 -6.33 3.08
C PHE A 95 -14.36 -5.98 1.80
N TYR A 96 -15.53 -6.60 1.62
CA TYR A 96 -16.50 -6.20 0.60
C TYR A 96 -17.77 -5.75 1.31
N PRO A 97 -18.03 -4.45 1.40
CA PRO A 97 -19.21 -4.00 2.15
C PRO A 97 -20.48 -4.40 1.41
N ASN A 98 -21.49 -4.83 2.18
CA ASN A 98 -22.68 -5.46 1.62
C ASN A 98 -23.63 -5.84 2.73
N SER A 99 -24.68 -6.58 2.37
CA SER A 99 -25.62 -7.10 3.35
C SER A 99 -25.23 -8.54 3.66
N TYR A 100 -24.97 -8.82 4.92
CA TYR A 100 -24.61 -10.15 5.36
C TYR A 100 -25.54 -10.58 6.47
N ASP A 101 -26.10 -11.79 6.36
CA ASP A 101 -26.94 -12.36 7.42
C ASP A 101 -28.09 -11.42 7.80
N GLY A 102 -28.66 -10.74 6.79
CA GLY A 102 -29.78 -9.86 7.00
C GLY A 102 -29.44 -8.44 7.42
N LEU A 103 -28.16 -8.13 7.64
CA LEU A 103 -27.74 -6.84 8.18
C LEU A 103 -27.12 -6.00 7.09
N ASN A 104 -27.59 -4.77 6.97
CA ASN A 104 -27.09 -3.94 5.89
C ASN A 104 -25.71 -3.37 6.19
N ALA A 105 -24.96 -3.06 5.12
CA ALA A 105 -23.60 -2.54 5.26
C ALA A 105 -23.53 -1.27 6.09
N THR A 106 -24.63 -0.50 6.12
CA THR A 106 -24.72 0.70 6.93
C THR A 106 -24.42 0.42 8.40
N ASN A 107 -24.89 -0.72 8.91
CA ASN A 107 -24.82 -1.05 10.32
C ASN A 107 -23.48 -1.67 10.74
N SER A 108 -22.51 -1.76 9.84
CA SER A 108 -21.23 -2.36 10.17
C SER A 108 -20.26 -1.27 10.62
N LEU A 109 -19.86 -1.32 11.89
CA LEU A 109 -18.90 -0.38 12.47
C LEU A 109 -18.11 -1.15 13.53
N PHE A 110 -16.79 -1.21 13.39
CA PHE A 110 -16.09 -2.09 14.30
C PHE A 110 -14.63 -1.70 14.38
N SER A 111 -13.93 -2.36 15.30
CA SER A 111 -12.52 -2.18 15.56
C SER A 111 -11.77 -3.49 15.37
N VAL A 112 -10.48 -3.38 15.08
CA VAL A 112 -9.59 -4.53 14.98
C VAL A 112 -8.32 -4.25 15.79
N SER A 113 -8.01 -5.14 16.73
CA SER A 113 -6.82 -4.99 17.56
C SER A 113 -5.87 -6.15 17.35
N PHE A 114 -4.58 -5.82 17.27
CA PHE A 114 -3.52 -6.80 17.35
C PHE A 114 -2.64 -6.36 18.51
N GLY A 115 -2.70 -7.10 19.62
CA GLY A 115 -1.98 -6.77 20.82
C GLY A 115 -2.16 -5.30 21.20
N PRO A 116 -1.03 -4.59 21.30
CA PRO A 116 -1.09 -3.17 21.68
C PRO A 116 -1.64 -2.25 20.60
N TYR A 117 -1.81 -2.72 19.37
CA TYR A 117 -2.12 -1.86 18.24
C TYR A 117 -3.61 -1.88 17.92
N THR A 118 -4.17 -0.70 17.67
CA THR A 118 -5.50 -0.56 17.09
C THR A 118 -5.35 -0.40 15.57
N LEU A 119 -5.70 -1.44 14.82
CA LEU A 119 -5.57 -1.36 13.36
C LEU A 119 -6.76 -0.63 12.74
N LEU A 120 -7.96 -0.88 13.25
CA LEU A 120 -9.18 -0.23 12.81
C LEU A 120 -9.98 0.14 14.03
N LYS A 121 -10.74 1.23 13.91
CA LYS A 121 -11.54 1.75 15.01
C LYS A 121 -12.72 2.48 14.41
N ASN A 122 -13.92 2.08 14.82
CA ASN A 122 -15.18 2.56 14.25
C ASN A 122 -15.10 2.57 12.72
N PHE A 123 -14.52 1.50 12.18
CA PHE A 123 -14.30 1.38 10.75
C PHE A 123 -15.63 1.11 10.05
N SER A 124 -15.94 1.92 9.03
CA SER A 124 -17.07 1.66 8.13
C SER A 124 -16.52 1.31 6.76
N ALA A 125 -16.62 0.03 6.40
CA ALA A 125 -16.25 -0.39 5.05
C ALA A 125 -17.16 0.24 4.01
N SER A 126 -18.46 0.30 4.31
CA SER A 126 -19.42 0.88 3.40
C SER A 126 -19.04 2.31 3.04
N GLN A 127 -18.83 3.16 4.04
CA GLN A 127 -18.53 4.57 3.77
C GLN A 127 -17.14 4.76 3.18
N THR A 128 -16.16 3.95 3.60
CA THR A 128 -14.82 4.04 3.03
C THR A 128 -14.82 3.69 1.56
N ALA A 129 -15.54 2.62 1.18
CA ALA A 129 -15.55 2.20 -0.21
C ALA A 129 -16.17 3.27 -1.09
N GLU A 130 -17.28 3.86 -0.64
CA GLU A 130 -17.98 4.84 -1.45
C GLU A 130 -17.12 6.09 -1.63
N ALA A 131 -16.41 6.51 -0.58
CA ALA A 131 -15.57 7.69 -0.66
C ALA A 131 -14.51 7.53 -1.73
N LEU A 132 -13.84 6.38 -1.74
CA LEU A 132 -12.73 6.12 -2.63
C LEU A 132 -13.16 5.56 -3.98
N THR A 133 -14.45 5.33 -4.18
CA THR A 133 -14.99 4.73 -5.41
C THR A 133 -14.38 3.36 -5.67
N TYR A 134 -14.15 2.61 -4.61
CA TYR A 134 -13.77 1.21 -4.77
C TYR A 134 -14.96 0.35 -4.43
N ALA A 135 -15.00 -0.81 -5.07
CA ALA A 135 -16.01 -1.77 -4.72
C ALA A 135 -15.61 -2.65 -3.55
N PHE A 136 -14.30 -2.74 -3.24
CA PHE A 136 -13.85 -3.59 -2.13
C PHE A 136 -12.57 -2.99 -1.53
N ILE A 137 -12.19 -3.46 -0.33
CA ILE A 137 -11.10 -2.85 0.44
C ILE A 137 -10.12 -3.93 0.89
N ILE A 138 -8.84 -3.70 0.65
CA ILE A 138 -7.76 -4.49 1.23
C ILE A 138 -6.98 -3.58 2.16
N LYS A 139 -6.96 -3.89 3.45
CA LYS A 139 -6.14 -3.19 4.44
C LYS A 139 -4.87 -3.99 4.69
N GLU A 140 -3.71 -3.37 4.51
CA GLU A 140 -2.41 -4.02 4.67
C GLU A 140 -1.62 -3.44 5.83
N PHE A 141 -1.21 -4.30 6.76
CA PHE A 141 -0.49 -3.91 7.95
C PHE A 141 0.84 -4.65 8.03
N VAL A 142 1.88 -3.96 8.49
CA VAL A 142 3.19 -4.53 8.73
C VAL A 142 3.40 -4.51 10.24
N VAL A 143 3.47 -5.70 10.85
CA VAL A 143 3.55 -5.83 12.30
C VAL A 143 4.64 -6.84 12.64
N ASN A 144 5.12 -6.73 13.87
CA ASN A 144 6.12 -7.65 14.40
C ASN A 144 5.50 -8.53 15.47
N VAL A 145 5.61 -9.84 15.32
CA VAL A 145 4.99 -10.77 16.25
C VAL A 145 6.10 -11.33 17.14
N GLU A 146 6.03 -10.95 18.42
CA GLU A 146 7.11 -11.27 19.35
C GLU A 146 7.12 -12.77 19.66
N GLY A 147 5.93 -13.38 19.76
CA GLY A 147 5.83 -14.77 20.18
C GLY A 147 5.48 -15.76 19.09
N GLY A 148 4.90 -16.89 19.49
CA GLY A 148 4.49 -17.93 18.57
C GLY A 148 3.07 -17.85 18.09
N THR A 149 2.33 -16.78 18.41
CA THR A 149 0.93 -16.67 18.01
C THR A 149 0.62 -15.24 17.63
N LEU A 150 -0.19 -15.07 16.58
CA LEU A 150 -0.72 -13.77 16.19
C LEU A 150 -2.22 -13.80 16.46
N ASN A 151 -2.67 -12.98 17.40
CA ASN A 151 -4.07 -12.86 17.75
C ASN A 151 -4.60 -11.54 17.22
N MET A 152 -5.76 -11.60 16.58
CA MET A 152 -6.41 -10.44 15.99
C MET A 152 -7.87 -10.47 16.43
N THR A 153 -8.32 -9.38 17.04
CA THR A 153 -9.64 -9.33 17.68
C THR A 153 -10.55 -8.34 16.95
N PHE A 154 -11.71 -8.84 16.50
CA PHE A 154 -12.74 -8.04 15.85
C PHE A 154 -13.79 -7.69 16.91
N THR A 155 -14.04 -6.40 17.09
CA THR A 155 -14.89 -5.89 18.18
C THR A 155 -15.92 -4.93 17.59
N PRO A 156 -17.18 -5.30 17.50
CA PRO A 156 -18.20 -4.35 17.03
C PRO A 156 -18.27 -3.16 17.96
N GLU A 157 -18.51 -1.99 17.38
CA GLU A 157 -18.71 -0.81 18.21
C GLU A 157 -19.99 -0.99 19.02
N SER A 158 -20.00 -0.43 20.21
CA SER A 158 -21.23 -0.40 20.97
C SER A 158 -22.17 0.70 20.49
N ALA A 159 -21.63 1.71 19.79
CA ALA A 159 -22.36 2.97 19.63
C ALA A 159 -23.67 2.78 18.87
N PRO A 160 -23.68 2.24 17.65
CA PRO A 160 -24.96 1.82 17.09
C PRO A 160 -25.36 0.52 17.78
N SER A 161 -26.60 0.48 18.29
CA SER A 161 -27.01 -0.62 19.17
C SER A 161 -26.88 -1.97 18.48
N ASN A 162 -27.18 -2.04 17.17
CA ASN A 162 -27.09 -3.29 16.42
C ASN A 162 -25.88 -3.34 15.49
N ALA A 163 -24.80 -2.63 15.83
CA ALA A 163 -23.61 -2.62 14.99
C ALA A 163 -22.94 -4.00 14.98
N TYR A 164 -22.37 -4.37 13.84
CA TYR A 164 -21.71 -5.65 13.71
C TYR A 164 -20.34 -5.46 13.05
N ALA A 165 -19.50 -6.47 13.24
CA ALA A 165 -18.23 -6.60 12.54
C ALA A 165 -18.32 -7.75 11.54
N PHE A 166 -17.45 -7.73 10.53
CA PHE A 166 -17.39 -8.78 9.53
C PHE A 166 -15.99 -8.76 8.91
N VAL A 167 -15.67 -9.85 8.22
CA VAL A 167 -14.45 -9.94 7.42
C VAL A 167 -14.68 -10.99 6.33
N ASN A 168 -14.18 -10.71 5.14
CA ASN A 168 -14.28 -11.62 4.00
C ASN A 168 -13.10 -12.56 3.89
N GLY A 169 -11.92 -12.07 4.21
CA GLY A 169 -10.72 -12.85 4.18
C GLY A 169 -9.60 -12.26 4.99
N ILE A 170 -8.71 -13.10 5.43
CA ILE A 170 -7.55 -12.69 6.20
C ILE A 170 -6.31 -13.33 5.63
N GLU A 171 -5.27 -12.54 5.42
CA GLU A 171 -4.03 -13.03 4.93
C GLU A 171 -2.90 -12.73 5.90
N VAL A 172 -2.07 -13.71 6.19
CA VAL A 172 -0.89 -13.49 7.00
C VAL A 172 0.31 -14.04 6.27
N THR A 173 1.25 -13.17 5.96
CA THR A 173 2.44 -13.50 5.21
C THR A 173 3.74 -13.11 5.89
N SER A 174 4.70 -14.00 5.91
CA SER A 174 6.00 -13.74 6.48
C SER A 174 6.78 -12.76 5.65
N MET A 175 7.60 -11.97 6.29
CA MET A 175 8.40 -11.04 5.50
C MET A 175 9.72 -10.81 6.22
N PRO A 176 10.75 -10.41 5.49
CA PRO A 176 11.97 -9.88 6.14
C PRO A 176 11.68 -8.55 6.82
N ASP A 177 12.66 -8.06 7.56
CA ASP A 177 12.60 -6.71 8.10
C ASP A 177 13.10 -5.75 7.02
N MET A 178 12.15 -5.23 6.23
CA MET A 178 12.45 -4.48 5.01
C MET A 178 12.28 -2.98 5.17
N TYR A 179 11.34 -2.55 5.99
CA TYR A 179 10.88 -1.17 5.99
C TYR A 179 11.28 -0.43 7.27
N SER A 180 12.43 -0.77 7.85
CA SER A 180 12.84 -0.24 9.14
C SER A 180 14.05 0.70 9.01
N SER A 181 14.37 1.35 10.12
CA SER A 181 15.50 2.28 10.20
C SER A 181 16.79 1.57 10.61
N THR A 187 15.07 11.96 9.41
CA THR A 187 15.00 12.26 7.98
C THR A 187 13.59 12.76 7.66
N MET A 188 13.09 13.62 8.54
CA MET A 188 11.80 14.26 8.34
C MET A 188 11.94 15.42 7.37
N VAL A 189 10.81 15.83 6.80
CA VAL A 189 10.77 16.90 5.82
C VAL A 189 10.19 18.16 6.43
N THR A 196 13.14 7.10 13.74
CA THR A 196 13.41 5.69 14.03
C THR A 196 12.21 4.77 13.84
N ILE A 197 12.38 3.76 13.00
CA ILE A 197 11.33 2.79 12.77
C ILE A 197 11.90 1.45 13.14
N ASP A 198 11.24 0.74 14.03
CA ASP A 198 11.76 -0.53 14.48
C ASP A 198 10.78 -1.56 14.96
N ASN A 199 11.30 -2.57 15.64
CA ASN A 199 10.53 -3.64 16.21
C ASN A 199 9.21 -3.27 16.85
N SER A 200 9.04 -2.02 17.27
CA SER A 200 7.81 -1.67 17.97
C SER A 200 6.86 -0.79 17.17
N THR A 201 7.24 -0.34 15.97
CA THR A 201 6.35 0.49 15.15
C THR A 201 5.63 -0.39 14.14
N ALA A 202 4.31 -0.34 14.18
CA ALA A 202 3.50 -0.96 13.15
C ALA A 202 3.27 0.05 12.02
N LEU A 203 3.11 -0.48 10.80
CA LEU A 203 2.76 0.32 9.63
C LEU A 203 1.43 -0.12 9.05
N GLU A 204 0.77 0.81 8.36
CA GLU A 204 -0.30 0.49 7.42
C GLU A 204 0.13 1.00 6.05
N ASN A 205 0.18 0.11 5.07
CA ASN A 205 0.49 0.55 3.71
C ASN A 205 -0.75 1.17 3.10
N VAL A 206 -0.67 2.44 2.70
CA VAL A 206 -1.84 3.08 2.11
C VAL A 206 -1.67 3.14 0.59
N TYR A 207 -0.43 3.20 0.09
CA TYR A 207 -0.28 3.23 -1.36
C TYR A 207 0.96 2.49 -1.81
N ARG A 208 0.89 1.97 -3.04
CA ARG A 208 2.00 1.24 -3.63
C ARG A 208 1.83 1.32 -5.15
N LEU A 209 2.70 2.07 -5.81
CA LEU A 209 2.53 2.39 -7.21
C LEU A 209 3.70 1.88 -8.02
N ASN A 210 3.40 1.23 -9.14
CA ASN A 210 4.40 1.01 -10.16
C ASN A 210 4.35 2.22 -11.10
N VAL A 211 5.27 3.17 -10.91
CA VAL A 211 5.18 4.44 -11.65
C VAL A 211 5.60 4.20 -13.10
N GLY A 212 4.72 4.55 -14.04
CA GLY A 212 5.00 4.41 -15.45
C GLY A 212 4.72 3.03 -16.02
N GLY A 213 4.38 2.07 -15.18
CA GLY A 213 4.20 0.71 -15.64
C GLY A 213 2.80 0.18 -15.41
N ASN A 214 2.66 -1.13 -15.44
CA ASN A 214 1.37 -1.76 -15.28
C ASN A 214 1.14 -2.16 -13.83
N ASP A 215 -0.12 -2.50 -13.53
CA ASP A 215 -0.41 -3.23 -12.31
C ASP A 215 0.46 -4.47 -12.22
N ILE A 216 0.85 -4.82 -11.00
CA ILE A 216 1.52 -6.07 -10.68
C ILE A 216 0.66 -6.75 -9.62
N SER A 217 0.15 -7.94 -9.93
CA SER A 217 -0.69 -8.67 -9.00
C SER A 217 0.16 -9.29 -7.89
N PRO A 218 -0.45 -9.67 -6.76
CA PRO A 218 0.38 -10.21 -5.66
C PRO A 218 1.26 -11.37 -6.09
N SER A 219 0.79 -12.23 -6.98
CA SER A 219 1.63 -13.37 -7.32
C SER A 219 2.72 -13.04 -8.34
N ALA A 220 2.68 -11.85 -8.95
CA ALA A 220 3.79 -11.41 -9.79
C ALA A 220 4.80 -10.57 -9.00
N ASP A 221 4.52 -10.28 -7.73
CA ASP A 221 5.49 -9.64 -6.84
C ASP A 221 6.66 -10.60 -6.59
N THR A 222 7.65 -10.13 -5.82
CA THR A 222 8.88 -10.83 -5.51
C THR A 222 8.75 -11.76 -4.30
N GLY A 223 7.63 -12.45 -4.12
CA GLY A 223 7.44 -13.36 -3.02
C GLY A 223 6.77 -12.76 -1.81
N LEU A 224 6.41 -11.46 -1.84
CA LEU A 224 5.77 -10.81 -0.71
C LEU A 224 4.29 -10.55 -0.94
N TYR A 225 3.76 -10.95 -2.10
CA TYR A 225 2.34 -10.81 -2.43
C TYR A 225 1.84 -9.38 -2.24
N ARG A 226 2.68 -8.41 -2.58
CA ARG A 226 2.27 -7.00 -2.63
C ARG A 226 1.62 -6.67 -3.97
N SER A 227 0.53 -5.93 -3.93
CA SER A 227 -0.04 -5.36 -5.14
C SER A 227 0.67 -4.04 -5.44
N TRP A 228 1.15 -3.87 -6.67
CA TRP A 228 1.61 -2.59 -7.18
C TRP A 228 0.60 -2.10 -8.20
N TYR A 229 0.30 -0.81 -8.18
CA TYR A 229 -0.76 -0.26 -9.04
C TYR A 229 -0.20 0.79 -9.99
N ASP A 230 -0.75 0.86 -11.20
CA ASP A 230 -0.34 1.91 -12.13
C ASP A 230 -0.55 3.29 -11.48
N ASP A 231 0.36 4.24 -11.76
CA ASP A 231 0.33 5.51 -11.05
C ASP A 231 -0.62 6.54 -11.67
N GLN A 232 -1.04 6.33 -12.92
CA GLN A 232 -1.80 7.34 -13.65
C GLN A 232 -3.03 7.88 -12.92
N PRO A 233 -3.84 7.10 -12.23
CA PRO A 233 -4.99 7.70 -11.52
C PRO A 233 -4.59 8.69 -10.42
N TYR A 234 -3.31 8.73 -10.05
CA TYR A 234 -2.88 9.63 -8.98
C TYR A 234 -2.20 10.89 -9.50
N ILE A 235 -2.01 11.01 -10.81
CA ILE A 235 -1.36 12.20 -11.36
C ILE A 235 -2.31 13.38 -11.22
N PHE A 236 -1.80 14.48 -10.66
CA PHE A 236 -2.66 15.65 -10.46
C PHE A 236 -2.93 16.38 -11.77
N GLY A 237 -1.89 16.91 -12.41
CA GLY A 237 -2.15 17.88 -13.46
C GLY A 237 -2.81 17.36 -14.73
N ALA A 238 -2.74 18.14 -15.80
CA ALA A 238 -2.72 17.57 -17.14
C ALA A 238 -1.32 17.11 -17.52
N GLY A 239 -0.33 17.40 -16.67
CA GLY A 239 1.03 16.95 -16.86
C GLY A 239 1.20 15.50 -16.47
N LEU A 240 0.94 14.60 -17.42
CA LEU A 240 1.11 13.18 -17.18
C LEU A 240 2.49 12.69 -17.55
N GLY A 241 3.33 13.58 -18.10
CA GLY A 241 4.59 13.18 -18.65
C GLY A 241 4.42 12.08 -19.66
N ILE A 242 5.40 11.18 -19.69
CA ILE A 242 5.46 10.07 -20.64
C ILE A 242 5.96 8.83 -19.93
N PRO A 243 5.50 7.65 -20.36
CA PRO A 243 6.09 6.41 -19.82
C PRO A 243 7.42 6.09 -20.51
N GLU A 244 8.33 5.52 -19.72
CA GLU A 244 9.59 4.98 -20.22
C GLU A 244 9.74 3.55 -19.75
N THR A 245 10.39 2.73 -20.60
CA THR A 245 10.64 1.33 -20.32
C THR A 245 12.08 0.99 -20.67
N ALA A 246 12.72 0.19 -19.81
CA ALA A 246 14.07 -0.29 -20.10
C ALA A 246 14.12 -1.02 -21.43
N ASP A 247 15.25 -0.88 -22.12
CA ASP A 247 15.48 -1.66 -23.34
C ASP A 247 15.63 -3.13 -22.98
N PRO A 248 15.37 -4.04 -23.92
CA PRO A 248 15.46 -5.47 -23.60
C PRO A 248 16.88 -5.96 -23.33
N ASN A 249 17.90 -5.25 -23.81
CA ASN A 249 19.29 -5.63 -23.57
C ASN A 249 19.78 -5.19 -22.19
N MET A 250 19.01 -4.35 -21.50
CA MET A 250 19.40 -3.83 -20.19
C MET A 250 18.98 -4.82 -19.10
N THR A 251 19.93 -5.16 -18.23
CA THR A 251 19.63 -5.93 -17.03
C THR A 251 19.41 -4.95 -15.87
N ILE A 252 18.42 -5.26 -15.04
CA ILE A 252 18.29 -4.59 -13.74
C ILE A 252 19.31 -5.25 -12.79
N LYS A 253 20.37 -4.51 -12.44
CA LYS A 253 21.46 -5.06 -11.62
C LYS A 253 21.34 -4.54 -10.18
N TYR A 254 20.67 -5.31 -9.34
CA TYR A 254 20.65 -4.97 -7.92
C TYR A 254 22.05 -5.12 -7.37
N PRO A 255 22.52 -4.17 -6.57
CA PRO A 255 23.83 -4.32 -5.95
C PRO A 255 23.78 -5.30 -4.78
N THR A 256 24.94 -5.89 -4.48
CA THR A 256 25.07 -6.67 -3.25
C THR A 256 24.73 -5.79 -2.05
N GLY A 257 23.78 -6.23 -1.22
CA GLY A 257 23.27 -5.47 -0.10
C GLY A 257 21.86 -4.91 -0.32
N THR A 258 21.44 -4.69 -1.59
CA THR A 258 20.05 -4.40 -1.93
C THR A 258 19.37 -5.70 -2.34
N PRO A 259 18.52 -6.28 -1.50
CA PRO A 259 17.87 -7.54 -1.89
C PRO A 259 17.01 -7.40 -3.14
N THR A 260 17.05 -8.44 -3.98
CA THR A 260 16.28 -8.40 -5.22
C THR A 260 14.78 -8.32 -4.96
N TYR A 261 14.31 -8.65 -3.75
CA TYR A 261 12.88 -8.60 -3.48
C TYR A 261 12.40 -7.22 -3.04
N VAL A 262 13.29 -6.22 -2.96
CA VAL A 262 12.85 -4.91 -2.47
C VAL A 262 11.70 -4.37 -3.33
N ALA A 263 11.75 -4.62 -4.63
CA ALA A 263 10.68 -4.32 -5.57
C ALA A 263 10.92 -5.15 -6.81
N PRO A 264 9.86 -5.51 -7.56
CA PRO A 264 10.06 -6.37 -8.73
C PRO A 264 10.81 -5.66 -9.85
N VAL A 265 11.37 -6.49 -10.74
CA VAL A 265 12.06 -6.00 -11.93
C VAL A 265 11.17 -5.05 -12.71
N ASP A 266 9.87 -5.37 -12.81
CA ASP A 266 8.98 -4.54 -13.60
C ASP A 266 8.74 -3.18 -12.97
N VAL A 267 8.92 -3.04 -11.66
CA VAL A 267 8.86 -1.69 -11.11
C VAL A 267 10.06 -0.87 -11.57
N TYR A 268 11.27 -1.43 -11.44
CA TYR A 268 12.47 -0.67 -11.81
C TYR A 268 12.62 -0.50 -13.31
N SER A 269 12.10 -1.44 -14.11
CA SER A 269 12.19 -1.40 -15.56
C SER A 269 11.27 -0.38 -16.21
N THR A 270 10.41 0.28 -15.43
CA THR A 270 9.47 1.25 -15.96
C THR A 270 9.56 2.52 -15.13
N ALA A 271 9.25 3.65 -15.77
CA ALA A 271 9.34 4.93 -15.08
C ALA A 271 8.47 5.95 -15.82
N ARG A 272 8.20 7.05 -15.12
CA ARG A 272 7.59 8.22 -15.73
C ARG A 272 8.61 9.36 -15.73
N SER A 273 8.72 10.04 -16.86
CA SER A 273 9.50 11.28 -16.94
C SER A 273 8.62 12.39 -17.51
N MET A 274 9.21 13.53 -17.84
CA MET A 274 8.39 14.72 -18.05
C MET A 274 8.06 15.02 -19.50
N GLY A 275 8.84 14.52 -20.45
CA GLY A 275 8.66 14.87 -21.84
C GLY A 275 9.96 15.33 -22.48
N PRO A 276 9.95 15.49 -23.81
CA PRO A 276 11.20 15.79 -24.54
C PRO A 276 11.52 17.27 -24.70
N THR A 277 10.66 18.17 -24.23
CA THR A 277 10.83 19.61 -24.46
C THR A 277 11.28 20.27 -23.16
N ALA A 278 12.51 20.77 -23.14
CA ALA A 278 13.07 21.38 -21.95
C ALA A 278 12.19 22.55 -21.47
N GLN A 279 11.81 23.45 -22.39
CA GLN A 279 11.00 24.61 -22.01
C GLN A 279 9.67 24.21 -21.34
N ILE A 280 9.08 23.09 -21.76
CA ILE A 280 7.83 22.65 -21.12
C ILE A 280 8.11 22.10 -19.72
N ASN A 281 9.16 21.28 -19.59
CA ASN A 281 9.51 20.68 -18.29
C ASN A 281 9.89 21.72 -17.24
N LEU A 282 10.48 22.84 -17.64
CA LEU A 282 10.78 23.91 -16.70
C LEU A 282 9.54 24.61 -16.16
N ASN A 283 8.36 24.41 -16.74
CA ASN A 283 7.18 25.14 -16.34
C ASN A 283 6.08 24.28 -15.73
N TYR A 284 6.34 23.02 -15.41
CA TYR A 284 5.37 22.29 -14.63
C TYR A 284 6.08 21.32 -13.70
N ASN A 285 5.33 20.81 -12.74
CA ASN A 285 5.78 19.76 -11.82
C ASN A 285 5.02 18.49 -12.16
N LEU A 286 5.76 17.40 -12.34
CA LEU A 286 5.15 16.07 -12.39
C LEU A 286 4.64 15.73 -11.00
N THR A 287 3.32 15.63 -10.84
CA THR A 287 2.71 15.69 -9.52
C THR A 287 1.71 14.55 -9.30
N TRP A 288 1.81 13.92 -8.12
CA TRP A 288 0.91 12.88 -7.65
C TRP A 288 0.33 13.32 -6.32
N ILE A 289 -0.96 13.03 -6.12
CA ILE A 289 -1.69 13.38 -4.91
C ILE A 289 -2.28 12.11 -4.28
N PHE A 290 -2.18 12.03 -2.95
CA PHE A 290 -2.61 10.85 -2.22
C PHE A 290 -3.46 11.30 -1.03
N SER A 291 -4.71 10.83 -0.96
CA SER A 291 -5.50 11.10 0.24
C SER A 291 -4.98 10.26 1.41
N ILE A 292 -4.70 10.94 2.53
CA ILE A 292 -4.18 10.28 3.72
C ILE A 292 -4.98 10.74 4.94
N ASP A 293 -4.86 9.97 6.03
CA ASP A 293 -5.46 10.32 7.32
C ASP A 293 -4.54 11.28 8.06
N SER A 294 -5.13 12.37 8.57
CA SER A 294 -4.36 13.28 9.43
C SER A 294 -4.12 12.64 10.79
N GLY A 295 -3.10 13.15 11.47
CA GLY A 295 -2.77 12.71 12.79
C GLY A 295 -1.73 11.62 12.83
N PHE A 296 -1.06 11.35 11.70
CA PHE A 296 -0.05 10.32 11.67
C PHE A 296 1.17 10.83 10.90
N THR A 297 2.31 10.26 11.24
CA THR A 297 3.52 10.40 10.48
C THR A 297 3.55 9.37 9.34
N TYR A 298 4.05 9.76 8.18
CA TYR A 298 4.05 8.90 7.01
C TYR A 298 5.45 8.64 6.51
N LEU A 299 5.70 7.37 6.19
CA LEU A 299 6.92 6.93 5.53
C LEU A 299 6.66 6.83 4.02
N VAL A 300 7.52 7.46 3.23
CA VAL A 300 7.41 7.49 1.77
C VAL A 300 8.70 6.92 1.21
N ARG A 301 8.62 5.78 0.54
CA ARG A 301 9.77 5.17 -0.13
C ARG A 301 9.65 5.42 -1.63
N LEU A 302 10.65 6.09 -2.21
CA LEU A 302 10.67 6.38 -3.64
C LEU A 302 11.70 5.47 -4.32
N HIS A 303 11.31 4.83 -5.40
CA HIS A 303 12.18 3.91 -6.12
C HIS A 303 12.66 4.51 -7.43
N PHE A 304 13.93 4.33 -7.74
CA PHE A 304 14.54 4.93 -8.92
C PHE A 304 15.40 3.91 -9.64
N CYS A 305 15.50 4.08 -10.95
CA CYS A 305 16.40 3.31 -11.78
C CYS A 305 16.45 4.01 -13.13
N GLU A 306 17.64 4.43 -13.54
CA GLU A 306 17.78 5.15 -14.80
C GLU A 306 17.60 4.16 -15.94
N VAL A 307 16.47 4.29 -16.64
CA VAL A 307 16.02 3.30 -17.61
C VAL A 307 16.35 3.69 -19.05
N SER A 308 16.64 4.95 -19.32
CA SER A 308 17.01 5.38 -20.67
C SER A 308 18.45 5.00 -21.02
N SER A 309 18.63 4.37 -22.17
CA SER A 309 19.97 4.11 -22.69
C SER A 309 20.76 5.41 -22.93
N ASN A 310 20.06 6.53 -23.21
CA ASN A 310 20.71 7.81 -23.47
C ASN A 310 21.34 8.44 -22.23
N ILE A 311 21.23 7.84 -21.04
CA ILE A 311 21.69 8.52 -19.82
C ILE A 311 22.62 7.59 -19.04
N THR A 312 23.91 7.99 -18.95
CA THR A 312 24.97 7.16 -18.37
C THR A 312 25.89 7.94 -17.44
N LYS A 313 25.70 9.25 -17.27
CA LYS A 313 26.70 10.08 -16.60
C LYS A 313 26.05 11.04 -15.63
N ILE A 314 26.90 11.58 -14.74
CA ILE A 314 26.47 12.60 -13.80
C ILE A 314 26.04 13.88 -14.53
N ASN A 315 25.08 14.59 -13.93
CA ASN A 315 24.63 15.90 -14.41
C ASN A 315 24.00 15.84 -15.80
N GLN A 316 23.37 14.72 -16.12
CA GLN A 316 22.53 14.65 -17.30
C GLN A 316 21.06 14.84 -16.98
N ARG A 317 20.57 14.20 -15.91
CA ARG A 317 19.20 14.38 -15.43
C ARG A 317 19.24 14.70 -13.93
N VAL A 318 18.93 15.95 -13.58
CA VAL A 318 18.98 16.45 -12.20
C VAL A 318 17.62 17.05 -11.87
N PHE A 319 17.02 16.64 -10.76
CA PHE A 319 15.70 17.18 -10.44
C PHE A 319 15.57 17.37 -8.94
N THR A 320 14.54 18.12 -8.58
CA THR A 320 14.18 18.39 -7.20
C THR A 320 12.92 17.60 -6.87
N ILE A 321 12.89 17.02 -5.67
CA ILE A 321 11.74 16.25 -5.17
C ILE A 321 11.09 17.07 -4.07
N TYR A 322 9.81 17.36 -4.23
CA TYR A 322 9.04 18.06 -3.22
C TYR A 322 8.03 17.11 -2.61
N LEU A 323 7.95 17.09 -1.29
CA LEU A 323 6.88 16.38 -0.60
C LEU A 323 6.08 17.42 0.18
N ASN A 324 4.78 17.46 -0.09
CA ASN A 324 3.88 18.44 0.53
C ASN A 324 4.39 19.87 0.32
N ASN A 325 4.84 20.16 -0.90
CA ASN A 325 5.28 21.48 -1.31
C ASN A 325 6.51 21.97 -0.53
N GLN A 326 7.24 21.03 0.10
CA GLN A 326 8.50 21.30 0.78
C GLN A 326 9.63 20.56 0.08
N THR A 327 10.79 21.20 -0.01
CA THR A 327 11.93 20.53 -0.62
C THR A 327 12.31 19.31 0.20
N ALA A 328 12.35 18.17 -0.46
CA ALA A 328 12.77 16.93 0.17
C ALA A 328 14.08 16.41 -0.37
N GLU A 329 14.36 16.63 -1.66
CA GLU A 329 15.67 16.30 -2.24
C GLU A 329 16.02 17.45 -3.19
N PRO A 330 16.99 18.29 -2.81
CA PRO A 330 17.30 19.46 -3.65
C PRO A 330 17.77 19.12 -5.05
N GLU A 331 18.70 18.15 -5.19
CA GLU A 331 19.25 17.81 -6.50
C GLU A 331 19.44 16.29 -6.56
N ALA A 332 18.33 15.59 -6.76
CA ALA A 332 18.35 14.18 -7.07
C ALA A 332 18.92 13.95 -8.46
N ASP A 333 19.80 12.98 -8.57
CA ASP A 333 20.47 12.69 -9.83
C ASP A 333 20.73 11.20 -9.78
N VAL A 334 19.99 10.42 -10.59
CA VAL A 334 20.02 8.98 -10.39
C VAL A 334 21.38 8.39 -10.74
N ILE A 335 22.10 8.94 -11.73
CA ILE A 335 23.44 8.40 -11.98
C ILE A 335 24.41 8.73 -10.85
N ALA A 336 24.29 9.90 -10.22
CA ALA A 336 25.13 10.20 -9.05
C ALA A 336 24.83 9.27 -7.89
N TRP A 337 23.60 8.76 -7.81
CA TRP A 337 23.17 7.85 -6.76
C TRP A 337 23.58 6.41 -7.05
N THR A 338 23.50 5.99 -8.32
CA THR A 338 23.67 4.59 -8.68
C THR A 338 24.93 4.30 -9.49
N SER A 339 25.61 5.34 -9.99
CA SER A 339 26.87 5.22 -10.76
C SER A 339 26.63 4.67 -12.17
N SER A 340 25.50 4.01 -12.41
CA SER A 340 25.37 3.35 -13.70
C SER A 340 23.90 3.22 -14.07
N ASN A 341 23.65 3.26 -15.37
CA ASN A 341 22.39 2.84 -15.97
C ASN A 341 21.88 1.54 -15.37
N GLY A 342 20.55 1.45 -15.23
CA GLY A 342 19.92 0.18 -14.91
C GLY A 342 20.29 -0.40 -13.56
N VAL A 343 20.47 0.43 -12.55
CA VAL A 343 20.76 -0.02 -11.19
C VAL A 343 19.63 0.42 -10.28
N PRO A 344 18.93 -0.51 -9.63
CA PRO A 344 17.81 -0.12 -8.77
C PRO A 344 18.29 0.54 -7.48
N PHE A 345 17.49 1.50 -7.02
CA PHE A 345 17.85 2.42 -5.94
C PHE A 345 16.57 2.83 -5.24
N HIS A 346 16.63 3.06 -3.94
CA HIS A 346 15.47 3.63 -3.26
C HIS A 346 15.94 4.58 -2.17
N LYS A 347 15.03 5.46 -1.78
CA LYS A 347 15.29 6.41 -0.72
C LYS A 347 14.00 6.62 0.05
N ASP A 348 14.12 6.71 1.37
CA ASP A 348 12.98 6.88 2.27
C ASP A 348 12.92 8.30 2.80
N TYR A 349 11.72 8.87 2.82
CA TYR A 349 11.46 10.14 3.47
C TYR A 349 10.31 9.97 4.44
N VAL A 350 10.37 10.69 5.56
CA VAL A 350 9.27 10.76 6.51
C VAL A 350 8.62 12.13 6.39
N VAL A 351 7.29 12.14 6.33
CA VAL A 351 6.51 13.36 6.20
C VAL A 351 5.61 13.47 7.41
N ASN A 352 5.58 14.65 8.02
CA ASN A 352 4.64 14.98 9.07
C ASN A 352 3.62 15.95 8.50
N PRO A 353 2.44 15.48 8.12
CA PRO A 353 1.46 16.36 7.50
C PRO A 353 0.93 17.37 8.50
N PRO A 354 0.37 18.47 8.02
CA PRO A 354 -0.08 19.53 8.94
C PRO A 354 -1.17 19.06 9.88
N GLU A 355 -1.23 19.72 11.02
CA GLU A 355 -2.27 19.53 12.02
C GLU A 355 -3.63 19.51 11.34
N GLY A 356 -4.39 18.46 11.61
CA GLY A 356 -5.67 18.30 10.95
C GLY A 356 -6.54 17.25 11.59
N ASN A 357 -7.75 17.14 11.02
CA ASN A 357 -8.79 16.21 11.46
C ASN A 357 -9.49 15.71 10.21
N GLY A 358 -9.51 14.38 10.03
CA GLY A 358 -10.10 13.78 8.85
C GLY A 358 -9.07 13.34 7.82
N GLN A 359 -9.32 13.62 6.55
CA GLN A 359 -8.40 13.30 5.48
C GLN A 359 -7.86 14.58 4.86
N GLN A 360 -6.64 14.48 4.34
CA GLN A 360 -6.01 15.57 3.60
C GLN A 360 -5.19 14.95 2.48
N ASP A 361 -4.74 15.79 1.54
CA ASP A 361 -3.96 15.33 0.40
C ASP A 361 -2.45 15.43 0.68
N LEU A 362 -1.73 14.35 0.40
CA LEU A 362 -0.27 14.35 0.40
C LEU A 362 0.20 14.56 -1.04
N TRP A 363 1.07 15.57 -1.22
CA TRP A 363 1.56 16.01 -2.53
C TRP A 363 3.00 15.54 -2.72
N LEU A 364 3.23 14.84 -3.83
CA LEU A 364 4.57 14.46 -4.26
C LEU A 364 4.83 15.10 -5.61
N ALA A 365 5.96 15.77 -5.77
CA ALA A 365 6.17 16.51 -7.01
C ALA A 365 7.65 16.51 -7.39
N LEU A 366 7.88 16.39 -8.71
CA LEU A 366 9.22 16.38 -9.30
C LEU A 366 9.35 17.54 -10.26
N HIS A 367 10.55 18.15 -10.28
CA HIS A 367 10.76 19.31 -11.11
C HIS A 367 12.23 19.40 -11.46
N PRO A 368 12.57 19.70 -12.71
CA PRO A 368 13.99 19.77 -13.07
C PRO A 368 14.70 20.88 -12.30
N ASN A 369 15.98 20.62 -12.00
CA ASN A 369 16.85 21.56 -11.31
C ASN A 369 17.91 22.03 -12.31
N PRO A 370 17.73 23.18 -12.95
CA PRO A 370 18.68 23.62 -13.98
C PRO A 370 19.92 24.34 -13.47
N VAL A 371 20.10 24.48 -12.15
CA VAL A 371 21.09 25.41 -11.62
C VAL A 371 22.52 24.99 -11.99
N ASN A 372 22.80 23.69 -12.07
CA ASN A 372 24.12 23.21 -12.48
C ASN A 372 24.21 22.93 -13.97
N LYS A 373 23.31 23.50 -14.75
CA LYS A 373 23.15 23.29 -16.19
C LYS A 373 23.37 21.83 -16.57
N PRO A 374 22.44 20.94 -16.22
CA PRO A 374 22.51 19.56 -16.70
C PRO A 374 22.30 19.48 -18.21
N GLU A 375 22.65 18.32 -18.76
CA GLU A 375 22.44 18.14 -20.19
C GLU A 375 20.96 18.21 -20.58
N TYR A 376 20.06 17.60 -19.78
CA TYR A 376 18.62 17.68 -20.00
C TYR A 376 17.93 18.30 -18.78
N TYR A 377 16.68 18.72 -18.98
CA TYR A 377 15.85 19.29 -17.91
C TYR A 377 14.63 18.37 -17.79
N ASP A 378 14.70 17.45 -16.84
CA ASP A 378 13.76 16.34 -16.80
C ASP A 378 13.81 15.76 -15.40
N SER A 379 12.92 14.82 -15.12
CA SER A 379 12.92 14.16 -13.83
C SER A 379 12.51 12.71 -14.08
N LEU A 380 12.53 11.89 -13.02
CA LEU A 380 12.37 10.46 -13.17
C LEU A 380 11.86 9.85 -11.87
N LEU A 381 10.93 8.90 -11.99
CA LEU A 381 10.44 8.16 -10.83
C LEU A 381 9.99 6.79 -11.33
N ASN A 382 10.32 5.74 -10.56
CA ASN A 382 9.94 4.40 -10.97
C ASN A 382 8.90 3.73 -10.08
N GLY A 383 8.76 4.14 -8.84
CA GLY A 383 7.77 3.53 -7.97
C GLY A 383 7.70 4.30 -6.68
N VAL A 384 6.62 4.06 -5.92
CA VAL A 384 6.44 4.73 -4.64
C VAL A 384 5.61 3.83 -3.72
N GLU A 385 5.99 3.81 -2.45
CA GLU A 385 5.28 3.13 -1.38
C GLU A 385 5.09 4.13 -0.26
N ILE A 386 3.89 4.17 0.29
CA ILE A 386 3.55 5.10 1.35
C ILE A 386 2.91 4.31 2.47
N PHE A 387 3.42 4.51 3.68
CA PHE A 387 2.97 3.80 4.87
C PHE A 387 2.60 4.81 5.94
N LYS A 388 1.46 4.61 6.58
CA LYS A 388 1.16 5.24 7.86
C LYS A 388 1.95 4.55 8.99
N MET A 389 2.54 5.35 9.88
CA MET A 389 3.22 4.82 11.05
C MET A 389 2.35 5.05 12.28
N ASN A 390 2.37 4.12 13.22
CA ASN A 390 1.47 4.27 14.36
C ASN A 390 1.90 5.41 15.29
N THR A 391 0.90 6.07 15.88
CA THR A 391 1.15 7.01 16.96
C THR A 391 1.63 6.27 18.20
N SER A 392 2.05 7.01 19.22
CA SER A 392 2.69 6.37 20.37
C SER A 392 1.72 5.51 21.17
N ASP A 393 0.45 5.74 21.01
CA ASP A 393 -0.56 4.98 21.67
C ASP A 393 -0.62 3.57 21.09
N GLY A 394 0.08 3.32 19.99
CA GLY A 394 -0.13 2.10 19.25
C GLY A 394 -1.25 2.17 18.23
N ASN A 395 -1.80 3.36 17.98
CA ASN A 395 -2.93 3.50 17.07
C ASN A 395 -2.48 3.65 15.62
N LEU A 396 -3.22 2.99 14.74
CA LEU A 396 -3.12 3.18 13.30
C LEU A 396 -4.46 3.54 12.67
N ALA A 397 -5.53 3.61 13.45
CA ALA A 397 -6.86 3.82 12.90
C ALA A 397 -7.12 5.30 12.62
N GLY A 398 -7.59 5.60 11.41
CA GLY A 398 -8.06 6.93 11.07
C GLY A 398 -9.58 6.96 11.01
N THR A 399 -10.10 8.14 10.66
CA THR A 399 -11.53 8.28 10.50
C THR A 399 -11.98 7.71 9.15
N ASN A 400 -13.30 7.56 9.00
CA ASN A 400 -13.85 7.11 7.74
C ASN A 400 -13.96 8.28 6.77
N PRO A 401 -13.43 8.16 5.55
CA PRO A 401 -13.48 9.28 4.59
C PRO A 401 -14.91 9.60 4.17
N ILE A 402 -15.15 10.89 3.92
CA ILE A 402 -16.46 11.44 3.58
C ILE A 402 -16.61 11.44 2.06
N PRO A 403 -17.68 10.84 1.51
CA PRO A 403 -17.86 10.86 0.05
C PRO A 403 -18.13 12.28 -0.46
N GLY A 404 -17.73 12.52 -1.71
CA GLY A 404 -17.94 13.80 -2.35
C GLY A 404 -19.40 14.20 -2.49
#